data_1R5T
#
_entry.id   1R5T
#
_cell.length_a   78.520
_cell.length_b   86.370
_cell.length_c   156.260
_cell.angle_alpha   90.00
_cell.angle_beta   90.00
_cell.angle_gamma   90.00
#
_symmetry.space_group_name_H-M   'C 2 2 21'
#
loop_
_entity.id
_entity.type
_entity.pdbx_description
1 polymer 'Cytidine deaminase'
2 non-polymer 'ZINC ION'
3 water water
#
_entity_poly.entity_id   1
_entity_poly.type   'polypeptide(L)'
_entity_poly.pdbx_seq_one_letter_code
;MKVGGIEDRQLEALKRAALKACELSYSPYSHFRVGCSILTNNDVIFTGANVENASYSNCICAERSAMIQVLMAGHRSGWK
CMVICGDSEDQCVSPCGVCRQFINEFVVKDFPIVMLNSTGSRSKVMTMGELLPMAFGPSHLN
;
_entity_poly.pdbx_strand_id   A,B,C,D
#
loop_
_chem_comp.id
_chem_comp.type
_chem_comp.name
_chem_comp.formula
ZN non-polymer 'ZINC ION' 'Zn 2'
#
# COMPACT_ATOMS: atom_id res chain seq x y z
N LYS A 2 4.43 26.65 -20.00
CA LYS A 2 5.80 26.26 -19.56
C LYS A 2 6.07 26.59 -18.09
N VAL A 3 5.09 26.22 -17.26
CA VAL A 3 5.14 26.40 -15.81
C VAL A 3 5.40 27.80 -15.28
N GLY A 4 4.32 28.44 -14.82
CA GLY A 4 4.43 29.78 -14.29
C GLY A 4 4.99 29.82 -12.88
N GLY A 5 5.76 30.86 -12.58
CA GLY A 5 6.35 30.98 -11.25
C GLY A 5 7.68 30.26 -11.18
N ILE A 6 8.19 29.83 -12.32
CA ILE A 6 9.47 29.10 -12.37
C ILE A 6 10.37 29.58 -13.49
N GLU A 7 11.55 30.06 -13.11
CA GLU A 7 12.54 30.55 -14.06
C GLU A 7 12.89 29.45 -15.05
N ASP A 8 13.29 29.83 -16.27
CA ASP A 8 13.66 28.85 -17.28
C ASP A 8 14.84 28.01 -16.85
N ARG A 9 15.81 28.64 -16.18
CA ARG A 9 16.99 27.93 -15.70
C ARG A 9 16.62 26.88 -14.67
N GLN A 10 15.73 27.24 -13.75
CA GLN A 10 15.28 26.33 -12.69
C GLN A 10 14.58 25.12 -13.31
N LEU A 11 13.68 25.37 -14.25
CA LEU A 11 12.95 24.30 -14.90
C LEU A 11 13.90 23.38 -15.66
N GLU A 12 14.91 23.96 -16.31
CA GLU A 12 15.89 23.16 -17.04
C GLU A 12 16.63 22.28 -16.05
N ALA A 13 17.02 22.87 -14.93
CA ALA A 13 17.73 22.15 -13.88
C ALA A 13 16.87 21.02 -13.33
N LEU A 14 15.61 21.32 -13.04
CA LEU A 14 14.69 20.32 -12.51
C LEU A 14 14.60 19.10 -13.42
N LYS A 15 14.46 19.34 -14.73
CA LYS A 15 14.34 18.26 -15.69
C LYS A 15 15.61 17.42 -15.76
N ARG A 16 16.76 18.07 -15.65
CA ARG A 16 18.04 17.37 -15.65
C ARG A 16 18.12 16.49 -14.40
N ALA A 17 17.66 17.04 -13.28
CA ALA A 17 17.68 16.32 -12.01
C ALA A 17 16.78 15.07 -12.06
N ALA A 18 15.64 15.19 -12.72
CA ALA A 18 14.69 14.08 -12.83
C ALA A 18 15.23 12.95 -13.68
N LEU A 19 15.88 13.27 -14.81
CA LEU A 19 16.45 12.25 -15.68
C LEU A 19 17.56 11.50 -14.96
N LYS A 20 18.40 12.24 -14.24
CA LYS A 20 19.51 11.67 -13.49
C LYS A 20 19.06 10.88 -12.26
N ALA A 21 17.93 11.27 -11.68
CA ALA A 21 17.39 10.58 -10.51
C ALA A 21 17.09 9.12 -10.84
N CYS A 22 16.72 8.84 -12.08
CA CYS A 22 16.42 7.48 -12.51
C CYS A 22 17.54 6.48 -12.19
N GLU A 23 18.77 6.97 -12.12
CA GLU A 23 19.90 6.09 -11.83
C GLU A 23 19.86 5.51 -10.42
N LEU A 24 19.09 6.15 -9.55
CA LEU A 24 18.95 5.69 -8.15
C LEU A 24 17.88 4.64 -7.99
N SER A 25 17.15 4.36 -9.07
CA SER A 25 16.08 3.37 -9.04
C SER A 25 16.52 1.96 -8.66
N TYR A 26 15.70 1.30 -7.85
CA TYR A 26 15.94 -0.10 -7.47
C TYR A 26 14.72 -0.78 -8.05
N SER A 27 14.88 -1.38 -9.23
CA SER A 27 13.76 -2.04 -9.87
C SER A 27 14.13 -3.33 -10.57
N PRO A 28 14.61 -4.32 -9.80
CA PRO A 28 15.00 -5.61 -10.38
C PRO A 28 13.82 -6.47 -10.83
N TYR A 29 12.60 -6.04 -10.53
CA TYR A 29 11.43 -6.83 -10.92
C TYR A 29 10.74 -6.37 -12.20
N SER A 30 10.54 -5.07 -12.35
CA SER A 30 9.91 -4.54 -13.55
C SER A 30 10.97 -3.97 -14.50
N HIS A 31 12.11 -3.58 -13.93
CA HIS A 31 13.20 -2.99 -14.69
C HIS A 31 12.76 -1.64 -15.23
N PHE A 32 11.64 -1.12 -14.75
CA PHE A 32 11.14 0.17 -15.20
C PHE A 32 11.56 1.25 -14.20
N ARG A 33 12.46 2.12 -14.62
CA ARG A 33 12.97 3.16 -13.72
C ARG A 33 12.21 4.48 -13.87
N VAL A 34 11.97 5.14 -12.74
CA VAL A 34 11.28 6.42 -12.72
C VAL A 34 12.07 7.34 -11.80
N GLY A 35 12.21 8.59 -12.23
CA GLY A 35 12.93 9.58 -11.46
C GLY A 35 12.02 10.76 -11.19
N CYS A 36 12.29 11.48 -10.11
CA CYS A 36 11.46 12.63 -9.76
C CYS A 36 12.24 13.68 -9.00
N SER A 37 11.97 14.95 -9.33
CA SER A 37 12.63 16.05 -8.68
C SER A 37 11.58 17.03 -8.18
N ILE A 38 11.87 17.68 -7.05
CA ILE A 38 10.96 18.65 -6.45
C ILE A 38 11.75 19.91 -6.11
N LEU A 39 11.16 21.06 -6.41
CA LEU A 39 11.79 22.34 -6.11
C LEU A 39 11.07 22.91 -4.90
N THR A 40 11.82 23.22 -3.85
CA THR A 40 11.24 23.76 -2.62
C THR A 40 10.99 25.27 -2.77
N ASN A 41 10.35 25.87 -1.78
CA ASN A 41 10.06 27.30 -1.82
C ASN A 41 11.36 28.06 -1.59
N ASN A 42 12.40 27.33 -1.20
CA ASN A 42 13.70 27.91 -0.94
C ASN A 42 14.59 27.63 -2.15
N ASP A 43 13.96 27.21 -3.24
CA ASP A 43 14.65 26.93 -4.49
C ASP A 43 15.68 25.81 -4.42
N VAL A 44 15.47 24.86 -3.51
CA VAL A 44 16.37 23.71 -3.36
C VAL A 44 15.75 22.53 -4.11
N ILE A 45 16.58 21.74 -4.76
CA ILE A 45 16.10 20.59 -5.52
C ILE A 45 16.32 19.26 -4.80
N PHE A 46 15.26 18.45 -4.73
CA PHE A 46 15.32 17.13 -4.11
C PHE A 46 14.95 16.12 -5.18
N THR A 47 15.56 14.94 -5.14
CA THR A 47 15.25 13.92 -6.15
C THR A 47 14.88 12.59 -5.52
N GLY A 48 14.20 11.75 -6.29
CA GLY A 48 13.79 10.46 -5.80
C GLY A 48 13.66 9.49 -6.96
N ALA A 49 13.64 8.20 -6.66
CA ALA A 49 13.50 7.18 -7.69
C ALA A 49 12.64 6.07 -7.12
N ASN A 50 12.05 5.23 -7.98
CA ASN A 50 11.19 4.16 -7.49
C ASN A 50 12.03 3.05 -6.84
N VAL A 51 11.44 2.39 -5.85
CA VAL A 51 12.09 1.30 -5.13
C VAL A 51 11.11 0.13 -5.05
N GLU A 52 11.42 -0.94 -5.77
CA GLU A 52 10.55 -2.11 -5.80
C GLU A 52 10.89 -3.10 -4.67
N ASN A 53 10.10 -4.17 -4.58
CA ASN A 53 10.26 -5.18 -3.55
C ASN A 53 9.68 -6.51 -4.06
N ALA A 54 10.17 -7.63 -3.54
CA ALA A 54 9.66 -8.93 -3.95
C ALA A 54 8.15 -8.95 -3.80
N SER A 55 7.66 -8.35 -2.71
CA SER A 55 6.23 -8.24 -2.47
C SER A 55 5.82 -6.94 -3.16
N TYR A 56 5.10 -7.07 -4.28
CA TYR A 56 4.72 -5.90 -5.05
C TYR A 56 3.96 -4.78 -4.34
N SER A 57 3.25 -5.11 -3.27
CA SER A 57 2.50 -4.09 -2.53
C SER A 57 3.45 -3.09 -1.85
N ASN A 58 4.68 -3.53 -1.59
CA ASN A 58 5.68 -2.69 -0.93
C ASN A 58 6.42 -1.66 -1.79
N CYS A 59 6.23 -1.68 -3.10
CA CYS A 59 6.92 -0.73 -3.97
C CYS A 59 6.64 0.74 -3.66
N ILE A 60 7.70 1.55 -3.64
CA ILE A 60 7.56 2.97 -3.39
C ILE A 60 7.93 3.73 -4.67
N CYS A 61 6.99 4.49 -5.21
CA CYS A 61 7.22 5.27 -6.43
C CYS A 61 8.24 6.40 -6.27
N ALA A 62 8.79 6.87 -7.38
CA ALA A 62 9.78 7.96 -7.37
C ALA A 62 9.23 9.22 -6.73
N GLU A 63 7.95 9.52 -6.99
CA GLU A 63 7.35 10.73 -6.43
C GLU A 63 7.31 10.67 -4.91
N ARG A 64 6.88 9.54 -4.37
CA ARG A 64 6.83 9.40 -2.92
C ARG A 64 8.22 9.43 -2.31
N SER A 65 9.20 8.85 -2.99
CA SER A 65 10.57 8.87 -2.48
C SER A 65 11.04 10.32 -2.42
N ALA A 66 10.81 11.07 -3.50
CA ALA A 66 11.20 12.48 -3.54
C ALA A 66 10.53 13.26 -2.41
N MET A 67 9.22 13.06 -2.21
CA MET A 67 8.51 13.77 -1.16
C MET A 67 9.02 13.42 0.25
N ILE A 68 9.33 12.14 0.47
CA ILE A 68 9.85 11.73 1.76
C ILE A 68 11.11 12.53 2.06
N GLN A 69 11.99 12.64 1.07
CA GLN A 69 13.24 13.38 1.21
C GLN A 69 12.98 14.84 1.61
N VAL A 70 12.05 15.47 0.89
CA VAL A 70 11.68 16.87 1.15
C VAL A 70 11.12 17.07 2.56
N LEU A 71 10.19 16.20 2.94
CA LEU A 71 9.57 16.29 4.25
C LEU A 71 10.54 16.04 5.40
N MET A 72 11.43 15.07 5.23
CA MET A 72 12.40 14.76 6.28
C MET A 72 13.41 15.88 6.43
N ALA A 73 13.53 16.71 5.39
CA ALA A 73 14.48 17.82 5.42
C ALA A 73 13.85 19.09 6.01
N GLY A 74 12.60 18.97 6.48
CA GLY A 74 11.93 20.10 7.09
C GLY A 74 10.97 20.93 6.25
N HIS A 75 10.98 20.72 4.93
CA HIS A 75 10.10 21.47 4.04
C HIS A 75 8.67 20.90 4.05
N ARG A 76 7.86 21.40 4.97
CA ARG A 76 6.47 20.97 5.13
C ARG A 76 5.55 21.39 3.98
N SER A 77 5.79 22.56 3.42
CA SER A 77 4.95 23.04 2.33
C SER A 77 5.62 24.12 1.49
N GLY A 78 4.85 24.73 0.59
CA GLY A 78 5.40 25.77 -0.26
C GLY A 78 6.19 25.26 -1.45
N TRP A 79 6.11 23.96 -1.73
CA TRP A 79 6.85 23.42 -2.86
C TRP A 79 6.43 24.18 -4.11
N LYS A 80 7.36 24.35 -5.04
CA LYS A 80 7.09 25.10 -6.25
C LYS A 80 6.82 24.30 -7.52
N CYS A 81 7.41 23.12 -7.63
CA CYS A 81 7.21 22.33 -8.83
C CYS A 81 7.74 20.92 -8.67
N MET A 82 7.20 20.01 -9.47
CA MET A 82 7.62 18.63 -9.44
C MET A 82 7.78 18.14 -10.87
N VAL A 83 8.89 17.47 -11.14
CA VAL A 83 9.14 16.92 -12.46
C VAL A 83 9.26 15.41 -12.32
N ILE A 84 8.56 14.70 -13.20
CA ILE A 84 8.58 13.24 -13.20
C ILE A 84 9.07 12.73 -14.55
N CYS A 85 10.02 11.79 -14.51
CA CYS A 85 10.61 11.21 -15.71
C CYS A 85 10.64 9.69 -15.58
N GLY A 86 10.33 8.97 -16.66
CA GLY A 86 10.35 7.53 -16.60
C GLY A 86 10.87 6.85 -17.85
N ASP A 87 11.13 5.55 -17.74
CA ASP A 87 11.64 4.76 -18.87
C ASP A 87 10.61 4.48 -19.94
N SER A 88 9.71 5.43 -20.14
CA SER A 88 8.69 5.29 -21.18
C SER A 88 9.30 5.91 -22.42
N GLU A 89 9.35 5.14 -23.50
CA GLU A 89 9.95 5.63 -24.74
C GLU A 89 9.08 6.70 -25.41
N ASP A 90 7.80 6.42 -25.59
CA ASP A 90 6.90 7.35 -26.26
C ASP A 90 6.03 8.25 -25.37
N GLN A 91 5.16 7.64 -24.58
CA GLN A 91 4.26 8.40 -23.71
C GLN A 91 4.94 8.99 -22.47
N CYS A 92 4.37 10.07 -21.95
CA CYS A 92 4.91 10.73 -20.76
C CYS A 92 4.54 9.89 -19.54
N VAL A 93 5.38 9.94 -18.52
CA VAL A 93 5.11 9.19 -17.30
C VAL A 93 4.26 10.05 -16.36
N SER A 94 3.03 9.62 -16.14
CA SER A 94 2.12 10.35 -15.26
C SER A 94 2.10 9.67 -13.90
N PRO A 95 1.98 10.45 -12.82
CA PRO A 95 1.97 9.83 -11.49
C PRO A 95 0.76 8.90 -11.32
N CYS A 96 0.94 7.80 -10.60
CA CYS A 96 -0.15 6.86 -10.37
C CYS A 96 -1.05 7.45 -9.32
N GLY A 97 -2.24 6.89 -9.16
CA GLY A 97 -3.19 7.40 -8.18
C GLY A 97 -2.67 7.44 -6.76
N VAL A 98 -1.84 6.48 -6.38
CA VAL A 98 -1.29 6.44 -5.03
C VAL A 98 -0.46 7.69 -4.78
N CYS A 99 0.36 8.06 -5.75
CA CYS A 99 1.21 9.24 -5.64
C CYS A 99 0.40 10.54 -5.66
N ARG A 100 -0.61 10.60 -6.51
CA ARG A 100 -1.44 11.81 -6.59
C ARG A 100 -2.06 12.09 -5.23
N GLN A 101 -2.53 11.03 -4.56
CA GLN A 101 -3.15 11.16 -3.26
C GLN A 101 -2.12 11.66 -2.25
N PHE A 102 -0.89 11.21 -2.39
CA PHE A 102 0.19 11.60 -1.48
C PHE A 102 0.57 13.08 -1.69
N ILE A 103 0.72 13.46 -2.95
CA ILE A 103 1.08 14.83 -3.28
C ILE A 103 -0.01 15.79 -2.82
N ASN A 104 -1.27 15.41 -3.02
CA ASN A 104 -2.41 16.25 -2.65
C ASN A 104 -2.40 16.67 -1.19
N GLU A 105 -1.82 15.82 -0.34
CA GLU A 105 -1.76 16.09 1.09
C GLU A 105 -0.86 17.28 1.44
N PHE A 106 0.07 17.64 0.55
CA PHE A 106 0.99 18.73 0.86
C PHE A 106 1.06 19.93 -0.06
N VAL A 107 0.40 19.90 -1.21
CA VAL A 107 0.47 21.02 -2.13
C VAL A 107 -0.88 21.69 -2.40
N VAL A 108 -0.82 22.90 -2.98
CA VAL A 108 -2.01 23.65 -3.33
C VAL A 108 -2.55 23.13 -4.65
N LYS A 109 -3.82 23.40 -4.92
CA LYS A 109 -4.49 22.95 -6.13
C LYS A 109 -3.76 23.28 -7.43
N ASP A 110 -3.12 24.45 -7.49
CA ASP A 110 -2.41 24.88 -8.69
C ASP A 110 -0.98 24.36 -8.81
N PHE A 111 -0.52 23.59 -7.82
CA PHE A 111 0.84 23.04 -7.85
C PHE A 111 1.08 22.37 -9.20
N PRO A 112 2.15 22.80 -9.92
CA PRO A 112 2.51 22.27 -11.23
C PRO A 112 3.31 20.96 -11.20
N ILE A 113 2.90 20.02 -12.03
CA ILE A 113 3.55 18.74 -12.15
C ILE A 113 3.93 18.52 -13.62
N VAL A 114 5.23 18.49 -13.90
CA VAL A 114 5.73 18.29 -15.24
C VAL A 114 6.05 16.82 -15.48
N MET A 115 5.41 16.23 -16.50
CA MET A 115 5.62 14.83 -16.83
C MET A 115 6.36 14.68 -18.16
N LEU A 116 7.44 13.89 -18.14
CA LEU A 116 8.27 13.64 -19.31
C LEU A 116 8.38 12.17 -19.68
N ASN A 117 8.78 11.91 -20.91
CA ASN A 117 9.01 10.55 -21.36
C ASN A 117 10.48 10.33 -21.03
N SER A 118 11.07 9.20 -21.41
CA SER A 118 12.47 8.92 -21.07
C SER A 118 13.52 9.95 -21.50
N THR A 119 13.29 10.65 -22.60
CA THR A 119 14.27 11.61 -23.07
C THR A 119 13.80 13.06 -22.89
N GLY A 120 12.50 13.24 -22.73
CA GLY A 120 11.97 14.58 -22.58
C GLY A 120 11.54 15.11 -23.93
N SER A 121 11.47 14.22 -24.91
CA SER A 121 11.06 14.59 -26.27
C SER A 121 9.54 14.80 -26.28
N ARG A 122 8.89 14.38 -25.19
CA ARG A 122 7.45 14.57 -25.03
C ARG A 122 7.27 15.04 -23.59
N SER A 123 6.47 16.09 -23.41
CA SER A 123 6.26 16.63 -22.08
C SER A 123 4.85 17.19 -21.93
N LYS A 124 4.39 17.24 -20.69
CA LYS A 124 3.05 17.71 -20.38
C LYS A 124 3.08 18.35 -19.00
N VAL A 125 2.28 19.39 -18.80
CA VAL A 125 2.21 20.04 -17.50
C VAL A 125 0.76 20.10 -17.04
N MET A 126 0.51 19.60 -15.85
CA MET A 126 -0.83 19.61 -15.27
C MET A 126 -0.75 19.96 -13.79
N THR A 127 -1.77 20.64 -13.28
CA THR A 127 -1.77 21.02 -11.87
C THR A 127 -2.29 19.89 -10.99
N MET A 128 -2.00 20.00 -9.70
CA MET A 128 -2.47 18.99 -8.75
C MET A 128 -3.98 18.84 -8.88
N GLY A 129 -4.65 19.99 -8.98
CA GLY A 129 -6.10 19.99 -9.11
C GLY A 129 -6.61 19.22 -10.32
N GLU A 130 -5.91 19.34 -11.44
CA GLU A 130 -6.30 18.65 -12.67
C GLU A 130 -6.12 17.14 -12.56
N LEU A 131 -5.01 16.71 -11.97
CA LEU A 131 -4.71 15.28 -11.84
C LEU A 131 -5.56 14.53 -10.81
N LEU A 132 -6.09 15.24 -9.82
CA LEU A 132 -6.92 14.58 -8.81
C LEU A 132 -8.15 15.42 -8.45
N PRO A 133 -9.17 15.42 -9.32
CA PRO A 133 -10.41 16.20 -9.09
C PRO A 133 -11.18 15.64 -7.89
N MET A 134 -11.85 16.52 -7.15
CA MET A 134 -12.63 16.09 -5.98
C MET A 134 -11.76 15.28 -5.03
N ALA A 135 -10.54 15.73 -4.81
CA ALA A 135 -9.62 15.02 -3.92
C ALA A 135 -10.23 14.67 -2.58
N PHE A 136 -9.95 13.45 -2.12
CA PHE A 136 -10.42 12.99 -0.82
C PHE A 136 -9.43 13.53 0.20
N GLY A 137 -9.91 14.34 1.14
CA GLY A 137 -9.02 14.90 2.13
C GLY A 137 -9.50 14.81 3.57
N PRO A 138 -8.84 15.54 4.50
CA PRO A 138 -9.17 15.57 5.93
C PRO A 138 -10.58 16.07 6.21
N SER A 139 -11.17 16.73 5.22
CA SER A 139 -12.53 17.26 5.33
C SER A 139 -13.55 16.13 5.36
N HIS A 140 -13.21 15.00 4.73
CA HIS A 140 -14.11 13.86 4.72
C HIS A 140 -14.11 13.19 6.17
N LEU A 141 -13.11 13.48 7.04
CA LEU A 141 -12.99 12.96 8.46
C LEU A 141 -13.58 13.91 9.54
N ASN A 142 -13.78 13.52 10.81
CA ASN A 142 -14.44 14.53 11.61
C ASN A 142 -14.30 14.82 13.12
N MET B 1 -34.10 11.57 -14.92
CA MET B 1 -32.97 10.61 -15.03
C MET B 1 -31.73 11.17 -14.33
N LYS B 2 -30.92 10.28 -13.75
CA LYS B 2 -29.73 10.69 -13.03
C LYS B 2 -28.42 10.14 -13.62
N VAL B 3 -28.39 8.84 -13.92
CA VAL B 3 -27.19 8.21 -14.48
C VAL B 3 -27.46 7.47 -15.80
N GLY B 4 -26.78 7.90 -16.85
CA GLY B 4 -26.95 7.30 -18.17
C GLY B 4 -26.54 5.85 -18.29
N GLY B 5 -27.39 5.06 -18.93
CA GLY B 5 -27.11 3.64 -19.12
C GLY B 5 -27.57 2.80 -17.95
N ILE B 6 -28.01 3.46 -16.89
CA ILE B 6 -28.48 2.77 -15.69
C ILE B 6 -29.95 3.08 -15.40
N GLU B 7 -30.76 2.03 -15.27
CA GLU B 7 -32.18 2.19 -14.98
C GLU B 7 -32.37 2.78 -13.59
N ASP B 8 -33.45 3.55 -13.41
CA ASP B 8 -33.73 4.18 -12.12
C ASP B 8 -33.90 3.16 -10.99
N ARG B 9 -34.46 2.01 -11.30
CA ARG B 9 -34.66 0.96 -10.30
C ARG B 9 -33.33 0.36 -9.88
N GLN B 10 -32.50 0.01 -10.86
CA GLN B 10 -31.19 -0.57 -10.60
C GLN B 10 -30.40 0.32 -9.66
N LEU B 11 -30.25 1.57 -10.07
CA LEU B 11 -29.53 2.57 -9.31
C LEU B 11 -30.07 2.64 -7.89
N GLU B 12 -31.37 2.81 -7.77
CA GLU B 12 -32.00 2.87 -6.46
C GLU B 12 -31.51 1.68 -5.63
N ALA B 13 -31.51 0.51 -6.24
CA ALA B 13 -31.07 -0.71 -5.58
C ALA B 13 -29.59 -0.66 -5.24
N LEU B 14 -28.82 0.07 -6.04
CA LEU B 14 -27.38 0.21 -5.80
C LEU B 14 -27.11 1.10 -4.60
N LYS B 15 -27.84 2.20 -4.51
CA LYS B 15 -27.66 3.13 -3.41
C LYS B 15 -28.02 2.48 -2.08
N ARG B 16 -29.04 1.64 -2.07
CA ARG B 16 -29.45 0.95 -0.85
C ARG B 16 -28.40 -0.07 -0.44
N ALA B 17 -27.87 -0.78 -1.42
CA ALA B 17 -26.86 -1.80 -1.17
C ALA B 17 -25.58 -1.16 -0.64
N ALA B 18 -25.22 0.01 -1.15
CA ALA B 18 -24.02 0.70 -0.70
C ALA B 18 -24.18 1.19 0.75
N LEU B 19 -25.34 1.76 1.06
CA LEU B 19 -25.60 2.25 2.41
C LEU B 19 -25.60 1.10 3.41
N LYS B 20 -26.17 -0.02 3.01
CA LYS B 20 -26.23 -1.18 3.89
C LYS B 20 -24.86 -1.84 4.04
N ALA B 21 -24.07 -1.81 2.97
CA ALA B 21 -22.73 -2.40 2.99
C ALA B 21 -21.85 -1.79 4.07
N CYS B 22 -22.19 -0.57 4.49
CA CYS B 22 -21.45 0.12 5.54
C CYS B 22 -21.37 -0.66 6.85
N GLU B 23 -22.40 -1.44 7.15
CA GLU B 23 -22.42 -2.19 8.40
C GLU B 23 -21.38 -3.31 8.48
N LEU B 24 -20.80 -3.66 7.34
CA LEU B 24 -19.80 -4.72 7.28
C LEU B 24 -18.40 -4.15 7.49
N SER B 25 -18.31 -2.83 7.61
CA SER B 25 -17.03 -2.19 7.81
C SER B 25 -16.29 -2.56 9.08
N TYR B 26 -14.97 -2.72 8.96
CA TYR B 26 -14.11 -2.99 10.10
C TYR B 26 -13.22 -1.75 10.16
N SER B 27 -13.56 -0.82 11.05
CA SER B 27 -12.79 0.42 11.15
C SER B 27 -12.61 0.92 12.58
N PRO B 28 -11.90 0.14 13.41
CA PRO B 28 -11.65 0.52 14.80
C PRO B 28 -10.62 1.62 15.01
N TYR B 29 -9.99 2.09 13.93
CA TYR B 29 -8.98 3.13 14.08
C TYR B 29 -9.50 4.53 13.66
N SER B 30 -10.13 4.64 12.50
CA SER B 30 -10.65 5.92 12.05
C SER B 30 -12.12 6.05 12.44
N HIS B 31 -12.79 4.92 12.62
CA HIS B 31 -14.20 4.88 12.96
C HIS B 31 -15.04 5.40 11.81
N PHE B 32 -14.41 5.60 10.66
CA PHE B 32 -15.12 6.10 9.49
C PHE B 32 -15.52 4.90 8.62
N ARG B 33 -16.82 4.65 8.52
CA ARG B 33 -17.31 3.53 7.72
C ARG B 33 -17.65 3.96 6.29
N VAL B 34 -17.34 3.09 5.34
CA VAL B 34 -17.62 3.35 3.94
C VAL B 34 -18.21 2.09 3.30
N GLY B 35 -19.24 2.29 2.48
CA GLY B 35 -19.87 1.18 1.79
C GLY B 35 -19.78 1.42 0.29
N CYS B 36 -19.69 0.35 -0.48
CA CYS B 36 -19.60 0.47 -1.94
C CYS B 36 -20.38 -0.66 -2.61
N SER B 37 -21.01 -0.34 -3.73
CA SER B 37 -21.78 -1.33 -4.48
C SER B 37 -21.38 -1.26 -5.95
N ILE B 38 -21.35 -2.41 -6.60
CA ILE B 38 -20.97 -2.48 -8.01
C ILE B 38 -21.97 -3.31 -8.81
N LEU B 39 -22.33 -2.79 -9.98
CA LEU B 39 -23.27 -3.44 -10.86
C LEU B 39 -22.50 -4.09 -12.01
N THR B 40 -22.60 -5.40 -12.13
CA THR B 40 -21.90 -6.12 -13.19
C THR B 40 -22.66 -6.02 -14.51
N ASN B 41 -22.04 -6.51 -15.58
CA ASN B 41 -22.65 -6.50 -16.91
C ASN B 41 -23.85 -7.42 -16.87
N ASN B 42 -23.75 -8.44 -16.02
CA ASN B 42 -24.78 -9.46 -15.84
C ASN B 42 -25.94 -8.92 -15.01
N ASP B 43 -25.82 -7.66 -14.57
CA ASP B 43 -26.84 -7.00 -13.76
C ASP B 43 -26.89 -7.49 -12.31
N VAL B 44 -25.80 -8.12 -11.87
CA VAL B 44 -25.71 -8.59 -10.50
C VAL B 44 -25.03 -7.50 -9.67
N ILE B 45 -25.39 -7.40 -8.40
CA ILE B 45 -24.83 -6.38 -7.53
C ILE B 45 -23.94 -6.97 -6.44
N PHE B 46 -22.75 -6.39 -6.29
CA PHE B 46 -21.79 -6.82 -5.28
C PHE B 46 -21.53 -5.64 -4.36
N THR B 47 -21.22 -5.91 -3.10
CA THR B 47 -20.96 -4.84 -2.14
C THR B 47 -19.65 -5.05 -1.38
N GLY B 48 -19.18 -3.98 -0.76
CA GLY B 48 -17.95 -4.05 -0.01
C GLY B 48 -17.89 -2.93 1.00
N ALA B 49 -17.03 -3.07 2.00
CA ALA B 49 -16.87 -2.06 3.02
C ALA B 49 -15.38 -1.95 3.32
N ASN B 50 -14.97 -0.84 3.94
CA ASN B 50 -13.57 -0.66 4.27
C ASN B 50 -13.10 -1.57 5.39
N VAL B 51 -11.84 -1.97 5.33
CA VAL B 51 -11.24 -2.84 6.34
C VAL B 51 -9.92 -2.21 6.75
N GLU B 52 -9.84 -1.79 8.01
CA GLU B 52 -8.63 -1.13 8.52
C GLU B 52 -7.67 -2.09 9.20
N ASN B 53 -6.50 -1.58 9.56
CA ASN B 53 -5.48 -2.40 10.18
C ASN B 53 -4.62 -1.51 11.10
N ALA B 54 -4.02 -2.12 12.12
CA ALA B 54 -3.18 -1.36 13.06
C ALA B 54 -2.12 -0.61 12.27
N SER B 55 -1.64 -1.23 11.19
CA SER B 55 -0.66 -0.60 10.33
C SER B 55 -1.47 0.05 9.22
N TYR B 56 -1.73 1.35 9.36
CA TYR B 56 -2.55 2.10 8.41
C TYR B 56 -2.30 1.79 6.93
N SER B 57 -1.04 1.54 6.59
CA SER B 57 -0.68 1.23 5.21
C SER B 57 -1.47 0.03 4.66
N ASN B 58 -1.87 -0.88 5.55
CA ASN B 58 -2.59 -2.10 5.17
C ASN B 58 -4.10 -1.97 4.95
N CYS B 59 -4.64 -0.77 5.14
CA CYS B 59 -6.08 -0.58 4.97
C CYS B 59 -6.56 -0.81 3.55
N ILE B 60 -7.75 -1.39 3.43
CA ILE B 60 -8.35 -1.65 2.13
C ILE B 60 -9.70 -0.93 2.09
N CYS B 61 -9.85 0.01 1.17
CA CYS B 61 -11.08 0.78 1.03
C CYS B 61 -12.25 -0.08 0.56
N ALA B 62 -13.46 0.46 0.74
CA ALA B 62 -14.69 -0.25 0.36
C ALA B 62 -14.74 -0.52 -1.13
N GLU B 63 -14.21 0.42 -1.92
CA GLU B 63 -14.21 0.26 -3.37
C GLU B 63 -13.39 -0.96 -3.74
N ARG B 64 -12.22 -1.11 -3.13
CA ARG B 64 -11.36 -2.24 -3.41
C ARG B 64 -11.95 -3.54 -2.89
N SER B 65 -12.66 -3.48 -1.77
CA SER B 65 -13.29 -4.68 -1.21
C SER B 65 -14.37 -5.19 -2.17
N ALA B 66 -15.16 -4.27 -2.72
CA ALA B 66 -16.22 -4.63 -3.65
C ALA B 66 -15.64 -5.17 -4.95
N MET B 67 -14.55 -4.57 -5.43
CA MET B 67 -13.94 -5.03 -6.66
C MET B 67 -13.33 -6.41 -6.51
N ILE B 68 -12.78 -6.71 -5.33
CA ILE B 68 -12.19 -8.03 -5.09
C ILE B 68 -13.32 -9.06 -5.19
N GLN B 69 -14.46 -8.73 -4.60
CA GLN B 69 -15.64 -9.58 -4.61
C GLN B 69 -16.03 -9.88 -6.06
N VAL B 70 -16.19 -8.83 -6.85
CA VAL B 70 -16.56 -8.95 -8.25
C VAL B 70 -15.59 -9.82 -9.02
N LEU B 71 -14.31 -9.46 -8.96
CA LEU B 71 -13.27 -10.20 -9.66
C LEU B 71 -13.19 -11.67 -9.24
N MET B 72 -13.36 -11.94 -7.94
CA MET B 72 -13.29 -13.31 -7.46
C MET B 72 -14.55 -14.07 -7.87
N ALA B 73 -15.56 -13.33 -8.32
CA ALA B 73 -16.82 -13.92 -8.77
C ALA B 73 -16.76 -14.19 -10.28
N GLY B 74 -15.65 -13.82 -10.91
CA GLY B 74 -15.51 -14.08 -12.34
C GLY B 74 -15.85 -12.97 -13.30
N HIS B 75 -16.22 -11.80 -12.79
CA HIS B 75 -16.56 -10.67 -13.66
C HIS B 75 -15.32 -9.81 -13.86
N ARG B 76 -14.54 -10.16 -14.88
CA ARG B 76 -13.29 -9.46 -15.17
C ARG B 76 -13.45 -8.11 -15.89
N SER B 77 -14.67 -7.81 -16.33
CA SER B 77 -14.92 -6.54 -17.02
C SER B 77 -16.39 -6.32 -17.33
N GLY B 78 -16.67 -5.21 -18.01
CA GLY B 78 -18.03 -4.89 -18.38
C GLY B 78 -18.89 -4.38 -17.23
N TRP B 79 -18.27 -3.87 -16.17
CA TRP B 79 -19.03 -3.36 -15.04
C TRP B 79 -19.82 -2.14 -15.50
N LYS B 80 -21.04 -1.99 -14.99
CA LYS B 80 -21.92 -0.90 -15.40
C LYS B 80 -21.87 0.37 -14.58
N CYS B 81 -21.78 0.24 -13.26
CA CYS B 81 -21.78 1.41 -12.41
C CYS B 81 -21.28 1.08 -11.02
N MET B 82 -20.81 2.10 -10.32
CA MET B 82 -20.32 1.92 -8.96
C MET B 82 -20.89 3.00 -8.06
N VAL B 83 -21.37 2.59 -6.88
CA VAL B 83 -21.92 3.54 -5.91
C VAL B 83 -21.08 3.51 -4.65
N ILE B 84 -20.69 4.69 -4.18
CA ILE B 84 -19.89 4.84 -2.98
C ILE B 84 -20.60 5.75 -1.99
N CYS B 85 -20.70 5.31 -0.74
CA CYS B 85 -21.34 6.11 0.30
C CYS B 85 -20.55 5.99 1.61
N GLY B 86 -20.31 7.11 2.27
CA GLY B 86 -19.56 7.08 3.51
C GLY B 86 -20.32 7.72 4.66
N ASP B 87 -19.72 7.69 5.85
CA ASP B 87 -20.33 8.25 7.06
C ASP B 87 -20.40 9.77 7.06
N SER B 88 -19.59 10.41 6.21
CA SER B 88 -19.57 11.86 6.12
C SER B 88 -20.93 12.36 5.63
N GLU B 89 -21.61 13.15 6.46
CA GLU B 89 -22.92 13.67 6.12
C GLU B 89 -22.86 14.98 5.34
N ASP B 90 -21.94 15.85 5.75
CA ASP B 90 -21.77 17.16 5.12
C ASP B 90 -21.12 17.20 3.76
N GLN B 91 -20.87 16.04 3.16
CA GLN B 91 -20.26 15.98 1.83
C GLN B 91 -20.11 14.55 1.32
N CYS B 92 -20.16 14.40 0.00
CA CYS B 92 -20.05 13.10 -0.65
C CYS B 92 -18.67 12.49 -0.45
N VAL B 93 -18.61 11.16 -0.44
CA VAL B 93 -17.34 10.45 -0.27
C VAL B 93 -16.75 10.09 -1.64
N SER B 94 -15.67 10.76 -2.00
CA SER B 94 -15.00 10.49 -3.27
C SER B 94 -13.90 9.45 -3.05
N PRO B 95 -13.65 8.58 -4.03
CA PRO B 95 -12.61 7.56 -3.88
C PRO B 95 -11.21 8.17 -3.78
N CYS B 96 -10.38 7.60 -2.92
CA CYS B 96 -9.01 8.09 -2.75
C CYS B 96 -8.22 7.71 -4.00
N GLY B 97 -7.03 8.30 -4.15
CA GLY B 97 -6.21 8.01 -5.31
C GLY B 97 -5.90 6.54 -5.48
N VAL B 98 -5.77 5.82 -4.38
CA VAL B 98 -5.46 4.40 -4.42
C VAL B 98 -6.57 3.61 -5.13
N CYS B 99 -7.81 3.86 -4.74
CA CYS B 99 -8.94 3.19 -5.35
C CYS B 99 -9.14 3.57 -6.82
N ARG B 100 -8.91 4.84 -7.16
CA ARG B 100 -9.07 5.29 -8.55
C ARG B 100 -8.11 4.49 -9.44
N GLN B 101 -6.88 4.31 -8.96
CA GLN B 101 -5.89 3.57 -9.73
C GLN B 101 -6.29 2.11 -9.88
N PHE B 102 -6.93 1.57 -8.84
CA PHE B 102 -7.37 0.17 -8.91
C PHE B 102 -8.53 0.01 -9.90
N ILE B 103 -9.56 0.84 -9.75
CA ILE B 103 -10.73 0.79 -10.63
C ILE B 103 -10.31 0.98 -12.09
N ASN B 104 -9.38 1.90 -12.32
CA ASN B 104 -8.90 2.22 -13.66
C ASN B 104 -8.30 1.02 -14.38
N GLU B 105 -7.91 0.01 -13.63
CA GLU B 105 -7.32 -1.18 -14.22
C GLU B 105 -8.36 -2.06 -14.92
N PHE B 106 -9.63 -1.94 -14.52
CA PHE B 106 -10.64 -2.81 -15.12
C PHE B 106 -11.83 -2.19 -15.85
N VAL B 107 -11.96 -0.86 -15.84
CA VAL B 107 -13.11 -0.25 -16.49
C VAL B 107 -12.79 0.75 -17.58
N VAL B 108 -13.78 1.02 -18.43
CA VAL B 108 -13.64 1.98 -19.51
C VAL B 108 -13.68 3.40 -18.96
N LYS B 109 -13.16 4.35 -19.73
CA LYS B 109 -13.10 5.76 -19.34
C LYS B 109 -14.43 6.39 -18.93
N ASP B 110 -15.52 5.92 -19.51
CA ASP B 110 -16.84 6.49 -19.21
C ASP B 110 -17.58 5.79 -18.07
N PHE B 111 -16.90 4.87 -17.40
CA PHE B 111 -17.50 4.14 -16.29
C PHE B 111 -18.01 5.15 -15.26
N PRO B 112 -19.31 5.10 -14.93
CA PRO B 112 -19.89 6.03 -13.95
C PRO B 112 -19.68 5.67 -12.49
N ILE B 113 -19.19 6.62 -11.72
CA ILE B 113 -18.98 6.43 -10.28
C ILE B 113 -19.87 7.43 -9.53
N VAL B 114 -20.85 6.90 -8.82
CA VAL B 114 -21.79 7.71 -8.05
C VAL B 114 -21.33 7.83 -6.60
N MET B 115 -21.16 9.07 -6.14
CA MET B 115 -20.70 9.32 -4.79
C MET B 115 -21.82 9.93 -3.96
N LEU B 116 -22.07 9.35 -2.78
CA LEU B 116 -23.13 9.81 -1.89
C LEU B 116 -22.60 10.13 -0.50
N ASN B 117 -23.37 10.89 0.26
CA ASN B 117 -22.99 11.22 1.63
C ASN B 117 -23.64 10.17 2.52
N SER B 118 -23.38 10.23 3.83
CA SER B 118 -23.90 9.26 4.79
C SER B 118 -25.35 8.83 4.64
N THR B 119 -26.25 9.77 4.38
CA THR B 119 -27.66 9.44 4.25
C THR B 119 -28.09 9.15 2.82
N GLY B 120 -27.68 10.03 1.92
CA GLY B 120 -28.05 9.87 0.51
C GLY B 120 -28.51 11.24 0.04
N SER B 121 -28.46 12.19 0.97
CA SER B 121 -28.86 13.56 0.70
C SER B 121 -28.12 14.11 -0.51
N ARG B 122 -26.79 14.18 -0.41
CA ARG B 122 -25.98 14.68 -1.51
C ARG B 122 -25.49 13.56 -2.39
N SER B 123 -25.19 13.89 -3.64
CA SER B 123 -24.70 12.91 -4.60
C SER B 123 -23.99 13.61 -5.74
N LYS B 124 -23.10 12.87 -6.40
CA LYS B 124 -22.36 13.41 -7.53
C LYS B 124 -21.94 12.25 -8.42
N VAL B 125 -22.09 12.45 -9.72
CA VAL B 125 -21.73 11.42 -10.69
C VAL B 125 -20.56 11.90 -11.53
N MET B 126 -19.53 11.09 -11.60
CA MET B 126 -18.34 11.39 -12.40
C MET B 126 -17.87 10.09 -13.02
N THR B 127 -17.17 10.21 -14.15
CA THR B 127 -16.68 9.03 -14.83
C THR B 127 -15.25 8.75 -14.41
N MET B 128 -14.80 7.54 -14.68
CA MET B 128 -13.44 7.11 -14.36
C MET B 128 -12.42 8.05 -15.00
N GLY B 129 -12.70 8.46 -16.24
CA GLY B 129 -11.80 9.36 -16.94
C GLY B 129 -11.64 10.71 -16.30
N GLU B 130 -12.73 11.23 -15.72
CA GLU B 130 -12.68 12.54 -15.06
C GLU B 130 -11.99 12.47 -13.70
N LEU B 131 -12.16 11.34 -13.02
CA LEU B 131 -11.57 11.13 -11.69
C LEU B 131 -10.06 10.84 -11.70
N LEU B 132 -9.56 10.34 -12.82
CA LEU B 132 -8.14 10.03 -12.94
C LEU B 132 -7.66 10.27 -14.37
N PRO B 133 -7.43 11.53 -14.75
CA PRO B 133 -6.96 11.89 -16.11
C PRO B 133 -5.53 11.45 -16.32
N MET B 134 -5.11 11.33 -17.58
CA MET B 134 -3.73 10.93 -17.89
C MET B 134 -3.36 9.71 -17.04
N ALA B 135 -4.33 8.82 -16.86
CA ALA B 135 -4.12 7.64 -16.04
C ALA B 135 -2.99 6.73 -16.48
N PHE B 136 -2.18 6.33 -15.50
CA PHE B 136 -1.08 5.41 -15.72
C PHE B 136 -1.80 4.06 -15.63
N GLY B 137 -2.45 3.66 -16.73
CA GLY B 137 -3.18 2.41 -16.72
C GLY B 137 -2.70 1.41 -17.76
N PRO B 138 -3.33 0.24 -17.83
CA PRO B 138 -2.95 -0.82 -18.79
C PRO B 138 -2.70 -0.26 -20.19
N SER B 139 -3.63 0.57 -20.66
CA SER B 139 -3.52 1.16 -21.99
C SER B 139 -2.32 2.10 -22.08
N LYS C 2 24.55 -6.98 23.59
CA LYS C 2 23.70 -6.95 22.39
C LYS C 2 24.20 -6.15 21.21
N VAL C 3 23.85 -6.67 20.03
CA VAL C 3 24.24 -6.09 18.77
C VAL C 3 25.72 -6.21 18.47
N GLY C 4 26.11 -7.41 18.08
CA GLY C 4 27.51 -7.64 17.76
C GLY C 4 27.92 -7.04 16.44
N GLY C 5 29.22 -6.80 16.26
CA GLY C 5 29.70 -6.23 15.01
C GLY C 5 29.41 -4.74 14.93
N ILE C 6 28.88 -4.18 16.01
CA ILE C 6 28.56 -2.77 16.07
C ILE C 6 29.05 -2.17 17.38
N GLU C 7 30.01 -1.26 17.29
CA GLU C 7 30.57 -0.63 18.48
C GLU C 7 29.46 -0.04 19.34
N ASP C 8 29.70 0.03 20.65
CA ASP C 8 28.71 0.60 21.55
C ASP C 8 28.50 2.08 21.28
N ARG C 9 29.58 2.76 20.89
CA ARG C 9 29.51 4.18 20.58
C ARG C 9 28.50 4.45 19.48
N GLN C 10 28.51 3.60 18.45
CA GLN C 10 27.61 3.75 17.31
C GLN C 10 26.17 3.42 17.68
N LEU C 11 25.98 2.38 18.48
CA LEU C 11 24.64 2.00 18.91
C LEU C 11 23.99 3.14 19.70
N GLU C 12 24.77 3.74 20.59
CA GLU C 12 24.29 4.84 21.42
C GLU C 12 23.86 6.01 20.54
N ALA C 13 24.71 6.36 19.57
CA ALA C 13 24.42 7.44 18.65
C ALA C 13 23.16 7.11 17.84
N LEU C 14 22.98 5.83 17.53
CA LEU C 14 21.80 5.40 16.78
C LEU C 14 20.54 5.60 17.61
N LYS C 15 20.63 5.23 18.87
CA LYS C 15 19.50 5.35 19.77
C LYS C 15 19.00 6.79 19.91
N ARG C 16 19.93 7.73 20.09
CA ARG C 16 19.54 9.11 20.23
C ARG C 16 18.94 9.64 18.93
N ALA C 17 19.54 9.28 17.80
CA ALA C 17 19.03 9.72 16.51
C ALA C 17 17.59 9.24 16.28
N ALA C 18 17.31 7.99 16.64
CA ALA C 18 15.96 7.47 16.47
C ALA C 18 15.01 8.26 17.38
N LEU C 19 15.44 8.51 18.61
CA LEU C 19 14.65 9.27 19.57
C LEU C 19 14.25 10.65 18.99
N LYS C 20 15.25 11.38 18.52
CA LYS C 20 15.02 12.71 17.97
C LYS C 20 14.29 12.73 16.62
N ALA C 21 14.36 11.63 15.89
CA ALA C 21 13.72 11.53 14.58
C ALA C 21 12.20 11.73 14.66
N CYS C 22 11.61 11.36 15.80
CA CYS C 22 10.17 11.50 15.99
C CYS C 22 9.68 12.91 15.72
N GLU C 23 10.56 13.89 15.88
CA GLU C 23 10.21 15.29 15.65
C GLU C 23 9.92 15.59 14.18
N LEU C 24 10.35 14.71 13.29
CA LEU C 24 10.13 14.90 11.86
C LEU C 24 8.79 14.30 11.41
N SER C 25 8.12 13.61 12.31
CA SER C 25 6.85 12.96 11.99
C SER C 25 5.72 13.86 11.54
N TYR C 26 4.91 13.36 10.61
CA TYR C 26 3.74 14.07 10.12
C TYR C 26 2.59 13.12 10.43
N SER C 27 2.00 13.28 11.61
CA SER C 27 0.91 12.42 12.04
C SER C 27 -0.25 13.22 12.62
N PRO C 28 -0.77 14.20 11.87
CA PRO C 28 -1.88 15.00 12.39
C PRO C 28 -3.17 14.19 12.58
N TYR C 29 -3.14 12.92 12.21
CA TYR C 29 -4.33 12.08 12.34
C TYR C 29 -4.29 11.22 13.60
N SER C 30 -3.31 10.32 13.67
CA SER C 30 -3.18 9.45 14.83
C SER C 30 -2.47 10.16 15.98
N HIS C 31 -1.66 11.16 15.62
CA HIS C 31 -0.89 11.93 16.60
C HIS C 31 0.22 11.06 17.20
N PHE C 32 0.32 9.83 16.69
CA PHE C 32 1.33 8.89 17.15
C PHE C 32 2.59 9.12 16.29
N ARG C 33 3.70 9.41 16.95
CA ARG C 33 4.97 9.65 16.26
C ARG C 33 5.93 8.48 16.42
N VAL C 34 6.68 8.20 15.37
CA VAL C 34 7.64 7.11 15.39
C VAL C 34 8.91 7.59 14.69
N GLY C 35 10.05 7.28 15.28
CA GLY C 35 11.31 7.68 14.70
C GLY C 35 12.14 6.45 14.41
N CYS C 36 12.95 6.52 13.34
CA CYS C 36 13.81 5.40 12.95
C CYS C 36 15.19 5.90 12.46
N SER C 37 16.23 5.17 12.83
CA SER C 37 17.58 5.52 12.40
C SER C 37 18.27 4.27 11.89
N ILE C 38 19.09 4.43 10.87
CA ILE C 38 19.82 3.35 10.24
C ILE C 38 21.29 3.70 10.10
N LEU C 39 22.16 2.77 10.46
CA LEU C 39 23.60 2.96 10.34
C LEU C 39 24.08 2.23 9.08
N THR C 40 24.72 2.95 8.17
CA THR C 40 25.21 2.34 6.93
C THR C 40 26.55 1.67 7.18
N ASN C 41 27.05 0.96 6.18
CA ASN C 41 28.31 0.26 6.33
C ASN C 41 29.49 1.18 6.61
N ASN C 42 29.46 2.41 6.09
CA ASN C 42 30.57 3.35 6.33
C ASN C 42 30.22 4.27 7.50
N ASP C 43 29.42 3.74 8.41
CA ASP C 43 29.01 4.42 9.63
C ASP C 43 28.30 5.77 9.51
N VAL C 44 27.50 5.96 8.47
CA VAL C 44 26.76 7.20 8.32
C VAL C 44 25.33 6.90 8.82
N ILE C 45 24.73 7.85 9.53
CA ILE C 45 23.39 7.66 10.07
C ILE C 45 22.31 8.42 9.30
N PHE C 46 21.23 7.70 8.95
CA PHE C 46 20.09 8.31 8.26
C PHE C 46 18.90 8.13 9.19
N THR C 47 17.96 9.07 9.16
CA THR C 47 16.80 8.97 10.02
C THR C 47 15.52 9.17 9.25
N GLY C 48 14.41 8.71 9.83
CA GLY C 48 13.12 8.87 9.19
C GLY C 48 12.01 8.89 10.22
N ALA C 49 10.85 9.40 9.85
CA ALA C 49 9.69 9.45 10.74
C ALA C 49 8.46 9.08 9.94
N ASN C 50 7.39 8.70 10.64
CA ASN C 50 6.17 8.32 9.96
C ASN C 50 5.48 9.51 9.30
N VAL C 51 4.89 9.25 8.14
CA VAL C 51 4.18 10.28 7.38
C VAL C 51 2.80 9.75 7.08
N GLU C 52 1.78 10.40 7.64
CA GLU C 52 0.41 9.98 7.44
C GLU C 52 -0.28 10.73 6.31
N ASN C 53 -1.49 10.30 5.99
CA ASN C 53 -2.26 10.89 4.90
C ASN C 53 -3.74 10.74 5.26
N ALA C 54 -4.57 11.61 4.69
CA ALA C 54 -6.01 11.53 4.93
C ALA C 54 -6.43 10.11 4.57
N SER C 55 -5.88 9.60 3.47
CA SER C 55 -6.16 8.24 3.02
C SER C 55 -5.18 7.34 3.76
N TYR C 56 -5.71 6.54 4.68
CA TYR C 56 -4.87 5.66 5.47
C TYR C 56 -3.94 4.78 4.64
N SER C 57 -4.41 4.37 3.46
CA SER C 57 -3.62 3.53 2.58
C SER C 57 -2.27 4.18 2.21
N ASN C 58 -2.24 5.51 2.17
CA ASN C 58 -1.02 6.22 1.78
C ASN C 58 0.00 6.51 2.87
N CYS C 59 -0.19 5.95 4.06
CA CYS C 59 0.76 6.22 5.14
C CYS C 59 2.09 5.49 4.95
N ILE C 60 3.17 6.17 5.33
CA ILE C 60 4.53 5.62 5.23
C ILE C 60 5.11 5.56 6.64
N CYS C 61 5.50 4.37 7.08
CA CYS C 61 6.07 4.21 8.41
C CYS C 61 7.43 4.88 8.49
N ALA C 62 7.90 5.09 9.70
CA ALA C 62 9.19 5.72 9.93
C ALA C 62 10.33 4.86 9.38
N GLU C 63 10.23 3.54 9.56
CA GLU C 63 11.28 2.64 9.07
C GLU C 63 11.42 2.74 7.56
N ARG C 64 10.31 2.88 6.85
CA ARG C 64 10.38 2.99 5.40
C ARG C 64 10.89 4.36 4.96
N SER C 65 10.51 5.42 5.68
CA SER C 65 10.99 6.75 5.31
C SER C 65 12.51 6.77 5.51
N ALA C 66 12.98 6.10 6.57
CA ALA C 66 14.41 6.04 6.85
C ALA C 66 15.14 5.25 5.76
N MET C 67 14.56 4.14 5.33
CA MET C 67 15.21 3.34 4.29
C MET C 67 15.22 4.07 2.96
N ILE C 68 14.19 4.86 2.70
CA ILE C 68 14.14 5.63 1.45
C ILE C 68 15.31 6.61 1.47
N GLN C 69 15.53 7.26 2.61
CA GLN C 69 16.63 8.21 2.76
C GLN C 69 17.95 7.51 2.46
N VAL C 70 18.13 6.31 3.00
CA VAL C 70 19.36 5.57 2.78
C VAL C 70 19.55 5.24 1.31
N LEU C 71 18.55 4.63 0.72
CA LEU C 71 18.61 4.24 -0.68
C LEU C 71 18.82 5.40 -1.65
N MET C 72 18.14 6.51 -1.40
CA MET C 72 18.28 7.67 -2.27
C MET C 72 19.66 8.31 -2.15
N ALA C 73 20.41 7.92 -1.12
CA ALA C 73 21.76 8.45 -0.92
C ALA C 73 22.73 7.49 -1.61
N GLY C 74 22.18 6.44 -2.20
CA GLY C 74 22.99 5.46 -2.91
C GLY C 74 23.60 4.32 -2.11
N HIS C 75 23.06 4.05 -0.93
CA HIS C 75 23.55 2.95 -0.09
C HIS C 75 22.58 1.79 -0.26
N ARG C 76 22.81 0.94 -1.26
CA ARG C 76 21.90 -0.16 -1.52
C ARG C 76 22.25 -1.49 -0.85
N SER C 77 23.27 -1.51 0.01
CA SER C 77 23.63 -2.75 0.69
C SER C 77 24.55 -2.53 1.89
N GLY C 78 24.64 -3.55 2.74
CA GLY C 78 25.50 -3.48 3.90
C GLY C 78 25.10 -2.67 5.12
N TRP C 79 23.84 -2.30 5.26
CA TRP C 79 23.42 -1.54 6.44
C TRP C 79 23.83 -2.34 7.67
N LYS C 80 24.20 -1.66 8.74
CA LYS C 80 24.68 -2.35 9.94
C LYS C 80 23.67 -2.53 11.07
N CYS C 81 22.77 -1.57 11.23
CA CYS C 81 21.79 -1.65 12.30
C CYS C 81 20.67 -0.66 12.11
N MET C 82 19.54 -0.93 12.78
CA MET C 82 18.38 -0.06 12.73
C MET C 82 17.80 0.06 14.13
N VAL C 83 17.38 1.27 14.49
CA VAL C 83 16.77 1.52 15.79
C VAL C 83 15.43 2.17 15.53
N ILE C 84 14.41 1.66 16.22
CA ILE C 84 13.06 2.20 16.09
C ILE C 84 12.62 2.68 17.47
N CYS C 85 12.04 3.88 17.50
CA CYS C 85 11.56 4.48 18.75
C CYS C 85 10.22 5.14 18.43
N GLY C 86 9.23 4.95 19.31
CA GLY C 86 7.93 5.54 19.06
C GLY C 86 7.29 6.11 20.31
N ASP C 87 6.13 6.75 20.14
CA ASP C 87 5.41 7.33 21.26
C ASP C 87 4.69 6.26 22.08
N SER C 88 5.45 5.27 22.56
CA SER C 88 4.90 4.20 23.36
C SER C 88 5.44 4.25 24.79
N GLU C 89 4.61 4.75 25.69
CA GLU C 89 4.99 4.88 27.10
C GLU C 89 5.84 3.74 27.64
N ASP C 90 5.25 2.56 27.76
CA ASP C 90 5.96 1.42 28.32
C ASP C 90 6.60 0.48 27.31
N GLN C 91 5.77 -0.26 26.57
CA GLN C 91 6.26 -1.23 25.59
C GLN C 91 7.11 -0.70 24.44
N CYS C 92 8.04 -1.52 23.99
CA CYS C 92 8.94 -1.18 22.89
C CYS C 92 8.18 -1.29 21.57
N VAL C 93 8.28 -0.25 20.74
CA VAL C 93 7.61 -0.22 19.45
C VAL C 93 8.22 -1.30 18.53
N SER C 94 7.34 -2.08 17.90
CA SER C 94 7.78 -3.15 17.01
C SER C 94 7.50 -2.76 15.56
N PRO C 95 8.36 -3.19 14.62
CA PRO C 95 8.17 -2.89 13.19
C PRO C 95 6.98 -3.67 12.66
N CYS C 96 6.13 -3.06 11.85
CA CYS C 96 4.99 -3.79 11.33
C CYS C 96 5.44 -4.73 10.20
N GLY C 97 4.55 -5.61 9.77
CA GLY C 97 4.89 -6.55 8.72
C GLY C 97 5.29 -5.90 7.41
N VAL C 98 4.66 -4.78 7.07
CA VAL C 98 4.97 -4.06 5.84
C VAL C 98 6.44 -3.64 5.83
N CYS C 99 6.88 -3.07 6.95
CA CYS C 99 8.26 -2.63 7.08
C CYS C 99 9.24 -3.80 7.15
N ARG C 100 8.84 -4.90 7.76
CA ARG C 100 9.74 -6.06 7.84
C ARG C 100 10.03 -6.58 6.44
N GLN C 101 9.00 -6.58 5.61
CA GLN C 101 9.15 -7.07 4.24
C GLN C 101 10.04 -6.12 3.45
N PHE C 102 9.93 -4.83 3.73
CA PHE C 102 10.72 -3.83 3.03
C PHE C 102 12.20 -3.99 3.43
N ILE C 103 12.46 -4.08 4.73
CA ILE C 103 13.81 -4.23 5.25
C ILE C 103 14.46 -5.51 4.72
N ASN C 104 13.70 -6.60 4.73
CA ASN C 104 14.19 -7.89 4.29
C ASN C 104 14.78 -7.88 2.89
N GLU C 105 14.33 -6.94 2.08
CA GLU C 105 14.81 -6.82 0.71
C GLU C 105 16.27 -6.38 0.61
N PHE C 106 16.77 -5.69 1.64
CA PHE C 106 18.14 -5.16 1.60
C PHE C 106 19.18 -5.64 2.61
N VAL C 107 18.77 -6.34 3.66
CA VAL C 107 19.72 -6.78 4.68
C VAL C 107 19.88 -8.28 4.79
N VAL C 108 20.93 -8.71 5.50
CA VAL C 108 21.18 -10.13 5.72
C VAL C 108 20.31 -10.55 6.90
N LYS C 109 20.19 -11.86 7.13
CA LYS C 109 19.37 -12.37 8.22
C LYS C 109 19.82 -11.98 9.62
N ASP C 110 21.13 -11.80 9.81
CA ASP C 110 21.67 -11.41 11.12
C ASP C 110 21.53 -9.91 11.41
N PHE C 111 20.98 -9.15 10.47
CA PHE C 111 20.80 -7.71 10.65
C PHE C 111 20.02 -7.39 11.92
N PRO C 112 20.64 -6.65 12.86
CA PRO C 112 20.02 -6.27 14.12
C PRO C 112 19.01 -5.13 14.06
N ILE C 113 17.85 -5.35 14.68
CA ILE C 113 16.79 -4.33 14.74
C ILE C 113 16.58 -4.05 16.22
N VAL C 114 16.90 -2.84 16.65
CA VAL C 114 16.72 -2.49 18.06
C VAL C 114 15.42 -1.69 18.23
N MET C 115 14.58 -2.16 19.14
CA MET C 115 13.30 -1.52 19.41
C MET C 115 13.29 -0.88 20.79
N LEU C 116 13.10 0.44 20.81
CA LEU C 116 13.09 1.21 22.04
C LEU C 116 11.71 1.66 22.50
N ASN C 117 11.60 1.97 23.78
CA ASN C 117 10.34 2.48 24.33
C ASN C 117 10.45 3.98 24.08
N SER C 118 9.36 4.72 24.29
CA SER C 118 9.34 6.16 24.03
C SER C 118 10.44 7.00 24.65
N THR C 119 11.00 6.56 25.77
CA THR C 119 12.05 7.32 26.45
C THR C 119 13.45 6.82 26.15
N GLY C 120 13.55 5.60 25.63
CA GLY C 120 14.84 5.03 25.32
C GLY C 120 15.56 4.52 26.55
N SER C 121 14.79 4.22 27.59
CA SER C 121 15.34 3.70 28.83
C SER C 121 15.44 2.18 28.75
N ARG C 122 14.68 1.60 27.82
CA ARG C 122 14.68 0.16 27.63
C ARG C 122 14.73 -0.18 26.15
N SER C 123 15.14 -1.41 25.85
CA SER C 123 15.21 -1.85 24.46
C SER C 123 15.10 -3.36 24.36
N LYS C 124 14.92 -3.82 23.13
CA LYS C 124 14.82 -5.24 22.83
C LYS C 124 15.48 -5.40 21.47
N VAL C 125 16.38 -6.37 21.35
CA VAL C 125 17.05 -6.60 20.09
C VAL C 125 16.61 -7.90 19.43
N MET C 126 16.35 -7.83 18.12
CA MET C 126 15.93 -8.97 17.32
C MET C 126 16.59 -8.84 15.95
N THR C 127 16.87 -9.98 15.31
CA THR C 127 17.48 -9.94 13.99
C THR C 127 16.38 -10.00 12.94
N MET C 128 16.70 -9.60 11.72
CA MET C 128 15.74 -9.62 10.62
C MET C 128 15.16 -11.03 10.48
N GLY C 129 16.04 -12.03 10.58
CA GLY C 129 15.61 -13.41 10.46
C GLY C 129 14.60 -13.84 11.50
N GLU C 130 14.76 -13.31 12.71
CA GLU C 130 13.85 -13.63 13.80
C GLU C 130 12.52 -12.91 13.65
N LEU C 131 12.58 -11.70 13.09
CA LEU C 131 11.36 -10.88 12.92
C LEU C 131 10.52 -11.24 11.69
N LEU C 132 11.12 -11.92 10.72
CA LEU C 132 10.39 -12.34 9.51
C LEU C 132 10.93 -13.68 9.02
N PRO C 133 10.62 -14.77 9.74
CA PRO C 133 11.05 -16.13 9.43
C PRO C 133 10.48 -16.59 8.08
N MET C 134 11.24 -17.44 7.38
CA MET C 134 10.81 -18.00 6.10
C MET C 134 10.19 -16.89 5.25
N ALA C 135 10.95 -15.82 5.05
CA ALA C 135 10.49 -14.65 4.30
C ALA C 135 10.35 -14.83 2.78
N PHE C 136 9.28 -14.24 2.25
CA PHE C 136 9.00 -14.27 0.82
C PHE C 136 10.12 -13.48 0.15
N GLY C 137 10.88 -14.12 -0.72
CA GLY C 137 11.97 -13.43 -1.40
C GLY C 137 12.06 -13.69 -2.89
N PRO C 138 13.11 -13.17 -3.55
CA PRO C 138 13.32 -13.35 -4.99
C PRO C 138 13.41 -14.82 -5.41
N SER C 139 14.03 -15.64 -4.56
CA SER C 139 14.20 -17.05 -4.83
C SER C 139 12.86 -17.67 -5.22
N HIS C 140 11.78 -17.11 -4.68
CA HIS C 140 10.43 -17.59 -4.95
C HIS C 140 9.97 -17.15 -6.33
N LEU C 141 10.54 -16.06 -6.81
CA LEU C 141 10.18 -15.51 -8.12
C LEU C 141 11.22 -15.86 -9.17
N VAL D 3 -2.47 -30.91 11.48
CA VAL D 3 -2.76 -29.59 12.01
C VAL D 3 -3.73 -29.62 13.20
N GLY D 4 -3.18 -29.18 14.33
CA GLY D 4 -3.86 -29.16 15.60
C GLY D 4 -5.20 -28.50 15.58
N GLY D 5 -6.22 -29.26 15.96
CA GLY D 5 -7.54 -28.69 15.98
C GLY D 5 -8.11 -28.68 14.58
N ILE D 6 -7.42 -29.18 13.55
CA ILE D 6 -8.09 -29.17 12.25
C ILE D 6 -8.38 -30.61 11.80
N GLU D 7 -9.66 -30.91 11.60
CA GLU D 7 -10.03 -32.24 11.15
C GLU D 7 -9.37 -32.45 9.80
N ASP D 8 -8.90 -33.67 9.55
CA ASP D 8 -8.22 -33.95 8.29
C ASP D 8 -9.08 -33.75 7.04
N ARG D 9 -10.39 -33.89 7.15
CA ARG D 9 -11.22 -33.68 5.97
C ARG D 9 -11.28 -32.20 5.65
N GLN D 10 -11.11 -31.37 6.67
CA GLN D 10 -11.12 -29.92 6.49
C GLN D 10 -9.80 -29.46 5.90
N LEU D 11 -8.69 -30.02 6.39
CA LEU D 11 -7.38 -29.68 5.87
C LEU D 11 -7.25 -30.06 4.40
N GLU D 12 -7.69 -31.28 4.07
CA GLU D 12 -7.63 -31.76 2.69
C GLU D 12 -8.48 -30.89 1.76
N ALA D 13 -9.68 -30.56 2.21
CA ALA D 13 -10.57 -29.71 1.43
C ALA D 13 -9.90 -28.33 1.25
N LEU D 14 -9.26 -27.83 2.31
CA LEU D 14 -8.58 -26.54 2.25
C LEU D 14 -7.46 -26.50 1.22
N LYS D 15 -6.62 -27.53 1.25
CA LYS D 15 -5.51 -27.61 0.31
C LYS D 15 -6.01 -27.64 -1.12
N ARG D 16 -7.10 -28.37 -1.35
CA ARG D 16 -7.67 -28.45 -2.69
C ARG D 16 -8.25 -27.12 -3.13
N ALA D 17 -8.93 -26.44 -2.21
CA ALA D 17 -9.52 -25.14 -2.54
C ALA D 17 -8.42 -24.12 -2.89
N ALA D 18 -7.31 -24.17 -2.16
CA ALA D 18 -6.19 -23.26 -2.41
C ALA D 18 -5.61 -23.48 -3.82
N LEU D 19 -5.34 -24.73 -4.16
CA LEU D 19 -4.77 -25.06 -5.48
C LEU D 19 -5.60 -24.55 -6.64
N LYS D 20 -6.91 -24.77 -6.59
CA LYS D 20 -7.77 -24.34 -7.68
C LYS D 20 -8.09 -22.84 -7.66
N ALA D 21 -7.89 -22.20 -6.51
CA ALA D 21 -8.16 -20.77 -6.38
C ALA D 21 -7.24 -19.95 -7.26
N CYS D 22 -6.06 -20.46 -7.57
CA CYS D 22 -5.11 -19.72 -8.39
C CYS D 22 -5.65 -19.44 -9.80
N GLU D 23 -6.77 -20.06 -10.16
CA GLU D 23 -7.34 -19.84 -11.48
C GLU D 23 -8.06 -18.50 -11.55
N LEU D 24 -8.37 -17.92 -10.39
CA LEU D 24 -9.05 -16.64 -10.32
C LEU D 24 -8.06 -15.47 -10.35
N SER D 25 -6.77 -15.81 -10.37
CA SER D 25 -5.71 -14.80 -10.38
C SER D 25 -5.67 -13.85 -11.58
N TYR D 26 -5.41 -12.58 -11.30
CA TYR D 26 -5.25 -11.57 -12.35
C TYR D 26 -3.81 -11.10 -12.17
N SER D 27 -2.91 -11.64 -12.97
CA SER D 27 -1.50 -11.30 -12.84
C SER D 27 -0.78 -11.22 -14.17
N PRO D 28 -1.19 -10.29 -15.05
CA PRO D 28 -0.55 -10.14 -16.35
C PRO D 28 0.83 -9.50 -16.30
N TYR D 29 1.23 -9.01 -15.13
CA TYR D 29 2.53 -8.36 -14.98
C TYR D 29 3.61 -9.32 -14.49
N SER D 30 3.32 -10.08 -13.44
CA SER D 30 4.29 -11.02 -12.90
C SER D 30 4.03 -12.42 -13.44
N HIS D 31 2.79 -12.66 -13.87
CA HIS D 31 2.41 -13.98 -14.38
C HIS D 31 2.52 -15.03 -13.28
N PHE D 32 2.72 -14.56 -12.06
CA PHE D 32 2.85 -15.40 -10.88
C PHE D 32 1.46 -15.57 -10.25
N ARG D 33 0.89 -16.77 -10.35
CA ARG D 33 -0.44 -17.02 -9.80
C ARG D 33 -0.40 -17.63 -8.40
N VAL D 34 -1.13 -17.02 -7.48
CA VAL D 34 -1.19 -17.48 -6.10
C VAL D 34 -2.63 -17.71 -5.66
N GLY D 35 -2.85 -18.80 -4.91
CA GLY D 35 -4.19 -19.11 -4.43
C GLY D 35 -4.21 -19.25 -2.92
N CYS D 36 -5.32 -18.87 -2.30
CA CYS D 36 -5.44 -18.95 -0.85
C CYS D 36 -6.85 -19.34 -0.43
N SER D 37 -6.94 -20.14 0.63
CA SER D 37 -8.22 -20.56 1.16
C SER D 37 -8.21 -20.43 2.68
N ILE D 38 -9.35 -20.05 3.24
CA ILE D 38 -9.47 -19.87 4.68
C ILE D 38 -10.66 -20.64 5.22
N LEU D 39 -10.47 -21.31 6.35
CA LEU D 39 -11.53 -22.06 6.99
C LEU D 39 -12.08 -21.22 8.14
N THR D 40 -13.39 -20.96 8.13
CA THR D 40 -14.01 -20.16 9.19
C THR D 40 -14.34 -21.06 10.38
N ASN D 41 -14.59 -20.45 11.54
CA ASN D 41 -14.91 -21.24 12.73
C ASN D 41 -16.16 -22.03 12.38
N ASN D 42 -16.87 -21.50 11.39
CA ASN D 42 -18.11 -22.03 10.87
C ASN D 42 -17.87 -23.26 9.98
N ASP D 43 -16.61 -23.58 9.72
CA ASP D 43 -16.25 -24.70 8.87
C ASP D 43 -16.75 -24.47 7.43
N VAL D 44 -16.66 -23.22 7.00
CA VAL D 44 -17.02 -22.81 5.65
C VAL D 44 -15.70 -22.36 5.03
N ILE D 45 -15.47 -22.73 3.77
CA ILE D 45 -14.23 -22.38 3.10
C ILE D 45 -14.37 -21.20 2.14
N PHE D 46 -13.45 -20.25 2.23
CA PHE D 46 -13.45 -19.08 1.36
C PHE D 46 -12.13 -19.10 0.60
N THR D 47 -12.12 -18.57 -0.61
CA THR D 47 -10.92 -18.57 -1.42
C THR D 47 -10.60 -17.23 -2.06
N GLY D 48 -9.33 -17.03 -2.37
CA GLY D 48 -8.91 -15.78 -3.00
C GLY D 48 -7.70 -16.03 -3.88
N ALA D 49 -7.39 -15.06 -4.73
CA ALA D 49 -6.26 -15.14 -5.65
C ALA D 49 -5.64 -13.75 -5.75
N ASN D 50 -4.40 -13.68 -6.22
CA ASN D 50 -3.76 -12.37 -6.31
C ASN D 50 -4.30 -11.57 -7.48
N VAL D 51 -4.38 -10.25 -7.26
CA VAL D 51 -4.86 -9.30 -8.25
C VAL D 51 -3.82 -8.20 -8.40
N GLU D 52 -3.18 -8.16 -9.56
CA GLU D 52 -2.15 -7.16 -9.81
C GLU D 52 -2.71 -5.89 -10.45
N ASN D 53 -1.87 -4.87 -10.53
CA ASN D 53 -2.25 -3.58 -11.09
C ASN D 53 -1.03 -2.95 -11.77
N ALA D 54 -1.27 -2.12 -12.77
CA ALA D 54 -0.18 -1.45 -13.47
C ALA D 54 0.75 -0.80 -12.45
N SER D 55 0.17 -0.26 -11.38
CA SER D 55 0.93 0.36 -10.30
C SER D 55 1.15 -0.74 -9.26
N TYR D 56 2.36 -1.30 -9.22
CA TYR D 56 2.66 -2.39 -8.30
C TYR D 56 2.20 -2.17 -6.87
N SER D 57 2.18 -0.93 -6.44
CA SER D 57 1.75 -0.61 -5.07
C SER D 57 0.30 -1.05 -4.83
N ASN D 58 -0.51 -1.06 -5.88
CA ASN D 58 -1.92 -1.46 -5.77
C ASN D 58 -2.20 -2.96 -5.78
N CYS D 59 -1.17 -3.78 -5.96
CA CYS D 59 -1.37 -5.23 -5.99
C CYS D 59 -1.91 -5.78 -4.66
N ILE D 60 -2.91 -6.65 -4.76
CA ILE D 60 -3.48 -7.28 -3.58
C ILE D 60 -3.14 -8.76 -3.68
N CYS D 61 -2.50 -9.29 -2.64
CA CYS D 61 -2.12 -10.70 -2.62
C CYS D 61 -3.35 -11.61 -2.45
N ALA D 62 -3.14 -12.90 -2.69
CA ALA D 62 -4.20 -13.88 -2.56
C ALA D 62 -4.70 -13.96 -1.12
N GLU D 63 -3.79 -13.97 -0.15
CA GLU D 63 -4.20 -14.04 1.26
C GLU D 63 -5.19 -12.94 1.59
N ARG D 64 -4.89 -11.72 1.15
CA ARG D 64 -5.76 -10.58 1.42
C ARG D 64 -7.08 -10.63 0.65
N SER D 65 -7.06 -11.18 -0.56
CA SER D 65 -8.30 -11.30 -1.31
C SER D 65 -9.21 -12.26 -0.55
N ALA D 66 -8.64 -13.36 -0.06
CA ALA D 66 -9.41 -14.36 0.69
C ALA D 66 -9.96 -13.77 1.98
N MET D 67 -9.16 -12.95 2.65
CA MET D 67 -9.62 -12.36 3.90
C MET D 67 -10.74 -11.39 3.64
N ILE D 68 -10.64 -10.62 2.56
CA ILE D 68 -11.70 -9.68 2.20
C ILE D 68 -13.00 -10.46 2.04
N GLN D 69 -12.93 -11.57 1.29
CA GLN D 69 -14.10 -12.41 1.07
C GLN D 69 -14.73 -12.86 2.39
N VAL D 70 -13.91 -13.40 3.29
CA VAL D 70 -14.39 -13.86 4.60
C VAL D 70 -15.03 -12.72 5.40
N LEU D 71 -14.33 -11.60 5.50
CA LEU D 71 -14.80 -10.44 6.23
C LEU D 71 -16.09 -9.86 5.65
N MET D 72 -16.20 -9.82 4.32
CA MET D 72 -17.41 -9.28 3.69
C MET D 72 -18.59 -10.22 3.86
N ALA D 73 -18.31 -11.45 4.27
CA ALA D 73 -19.37 -12.44 4.50
C ALA D 73 -19.81 -12.32 5.96
N GLY D 74 -19.07 -11.50 6.71
CA GLY D 74 -19.41 -11.29 8.11
C GLY D 74 -18.69 -12.12 9.15
N HIS D 75 -17.60 -12.79 8.78
CA HIS D 75 -16.83 -13.60 9.74
C HIS D 75 -15.64 -12.78 10.19
N ARG D 76 -15.81 -12.00 11.26
CA ARG D 76 -14.71 -11.16 11.72
C ARG D 76 -13.82 -11.76 12.80
N SER D 77 -14.06 -13.03 13.14
CA SER D 77 -13.24 -13.70 14.15
C SER D 77 -13.38 -15.21 14.07
N GLY D 78 -12.50 -15.91 14.77
CA GLY D 78 -12.56 -17.37 14.82
C GLY D 78 -12.09 -18.17 13.63
N TRP D 79 -11.31 -17.59 12.72
CA TRP D 79 -10.85 -18.37 11.58
C TRP D 79 -10.00 -19.52 12.12
N LYS D 80 -10.10 -20.67 11.50
CA LYS D 80 -9.38 -21.85 11.98
C LYS D 80 -8.08 -22.20 11.29
N CYS D 81 -7.97 -21.88 10.01
CA CYS D 81 -6.75 -22.24 9.28
C CYS D 81 -6.72 -21.54 7.94
N MET D 82 -5.53 -21.44 7.39
CA MET D 82 -5.34 -20.80 6.10
C MET D 82 -4.32 -21.60 5.33
N VAL D 83 -4.59 -21.79 4.03
CA VAL D 83 -3.65 -22.51 3.19
C VAL D 83 -3.27 -21.58 2.05
N ILE D 84 -1.99 -21.56 1.72
CA ILE D 84 -1.48 -20.70 0.66
C ILE D 84 -0.77 -21.57 -0.36
N CYS D 85 -1.10 -21.38 -1.64
CA CYS D 85 -0.53 -22.14 -2.74
C CYS D 85 0.17 -21.19 -3.71
N GLY D 86 1.50 -21.20 -3.71
CA GLY D 86 2.24 -20.30 -4.58
C GLY D 86 2.64 -20.84 -5.93
N ASP D 87 3.09 -19.96 -6.82
CA ASP D 87 3.49 -20.38 -8.16
C ASP D 87 4.97 -20.77 -8.19
N SER D 88 5.46 -21.31 -7.08
CA SER D 88 6.85 -21.77 -6.97
C SER D 88 6.84 -23.29 -7.01
N GLU D 89 7.47 -23.84 -8.04
CA GLU D 89 7.52 -25.28 -8.25
C GLU D 89 8.11 -26.14 -7.14
N ASP D 90 9.32 -25.81 -6.70
CA ASP D 90 9.98 -26.60 -5.66
C ASP D 90 10.28 -25.83 -4.39
N GLN D 91 9.34 -25.01 -3.96
CA GLN D 91 9.51 -24.21 -2.76
C GLN D 91 8.15 -23.78 -2.23
N CYS D 92 7.92 -24.02 -0.94
CA CYS D 92 6.66 -23.63 -0.33
C CYS D 92 6.52 -22.12 -0.27
N VAL D 93 5.38 -21.62 -0.71
CA VAL D 93 5.13 -20.18 -0.71
C VAL D 93 4.79 -19.66 0.68
N SER D 94 5.54 -18.66 1.13
CA SER D 94 5.29 -18.07 2.44
C SER D 94 4.64 -16.72 2.22
N PRO D 95 3.77 -16.29 3.16
CA PRO D 95 3.06 -15.00 3.05
C PRO D 95 4.07 -13.85 3.19
N CYS D 96 3.85 -12.77 2.44
CA CYS D 96 4.75 -11.63 2.54
C CYS D 96 4.46 -10.90 3.85
N GLY D 97 5.31 -9.96 4.22
CA GLY D 97 5.11 -9.23 5.45
C GLY D 97 3.81 -8.46 5.51
N VAL D 98 3.36 -7.96 4.36
CA VAL D 98 2.13 -7.20 4.29
C VAL D 98 0.93 -8.08 4.66
N CYS D 99 0.93 -9.31 4.17
CA CYS D 99 -0.17 -10.23 4.47
C CYS D 99 -0.14 -10.72 5.90
N ARG D 100 1.07 -10.91 6.44
CA ARG D 100 1.20 -11.38 7.82
C ARG D 100 0.61 -10.36 8.77
N GLN D 101 0.86 -9.08 8.49
CA GLN D 101 0.35 -7.99 9.31
C GLN D 101 -1.18 -7.93 9.23
N PHE D 102 -1.71 -8.22 8.04
CA PHE D 102 -3.15 -8.21 7.81
C PHE D 102 -3.84 -9.36 8.55
N ILE D 103 -3.26 -10.54 8.45
CA ILE D 103 -3.81 -11.73 9.11
C ILE D 103 -3.77 -11.58 10.63
N ASN D 104 -2.65 -11.06 11.13
CA ASN D 104 -2.44 -10.85 12.56
C ASN D 104 -3.54 -10.03 13.22
N GLU D 105 -4.20 -9.20 12.44
CA GLU D 105 -5.26 -8.33 12.94
C GLU D 105 -6.50 -9.11 13.38
N PHE D 106 -6.73 -10.27 12.78
CA PHE D 106 -7.93 -11.04 13.06
C PHE D 106 -7.81 -12.41 13.72
N VAL D 107 -6.61 -12.98 13.78
CA VAL D 107 -6.46 -14.32 14.35
C VAL D 107 -5.60 -14.42 15.62
N VAL D 108 -5.69 -15.57 16.29
CA VAL D 108 -4.91 -15.83 17.50
C VAL D 108 -3.49 -16.24 17.12
N LYS D 109 -2.57 -16.14 18.07
CA LYS D 109 -1.17 -16.48 17.81
C LYS D 109 -0.96 -17.92 17.34
N ASP D 110 -1.84 -18.83 17.76
CA ASP D 110 -1.72 -20.23 17.36
C ASP D 110 -2.38 -20.58 16.02
N PHE D 111 -2.94 -19.57 15.35
CA PHE D 111 -3.58 -19.77 14.05
C PHE D 111 -2.60 -20.44 13.07
N PRO D 112 -2.97 -21.62 12.55
CA PRO D 112 -2.10 -22.33 11.62
C PRO D 112 -2.18 -21.79 10.19
N ILE D 113 -1.02 -21.66 9.57
CA ILE D 113 -0.93 -21.19 8.21
C ILE D 113 -0.15 -22.25 7.46
N VAL D 114 -0.83 -22.94 6.54
CA VAL D 114 -0.23 -23.99 5.73
C VAL D 114 0.26 -23.42 4.41
N MET D 115 1.50 -23.73 4.05
CA MET D 115 2.09 -23.23 2.83
C MET D 115 2.48 -24.36 1.89
N LEU D 116 2.01 -24.29 0.65
CA LEU D 116 2.28 -25.33 -0.35
C LEU D 116 3.02 -24.80 -1.57
N ASN D 117 3.73 -25.68 -2.27
CA ASN D 117 4.41 -25.29 -3.50
C ASN D 117 3.31 -25.32 -4.56
N SER D 118 3.62 -24.94 -5.79
CA SER D 118 2.62 -24.88 -6.85
C SER D 118 1.78 -26.13 -7.10
N THR D 119 2.33 -27.32 -6.84
CA THR D 119 1.59 -28.56 -7.08
C THR D 119 0.95 -29.14 -5.82
N GLY D 120 1.43 -28.74 -4.66
CA GLY D 120 0.89 -29.25 -3.42
C GLY D 120 1.63 -30.50 -2.95
N SER D 121 2.72 -30.83 -3.63
CA SER D 121 3.51 -32.01 -3.26
C SER D 121 4.34 -31.77 -2.01
N ARG D 122 4.62 -30.50 -1.73
CA ARG D 122 5.41 -30.13 -0.54
C ARG D 122 4.57 -29.18 0.32
N SER D 123 4.59 -29.39 1.64
CA SER D 123 3.83 -28.53 2.54
C SER D 123 4.62 -28.19 3.79
N LYS D 124 4.35 -27.01 4.34
CA LYS D 124 5.03 -26.52 5.54
C LYS D 124 3.98 -25.79 6.40
N VAL D 125 3.95 -26.07 7.70
CA VAL D 125 2.99 -25.41 8.56
C VAL D 125 3.67 -24.55 9.63
N MET D 126 3.15 -23.35 9.84
CA MET D 126 3.66 -22.43 10.85
C MET D 126 2.53 -21.59 11.44
N THR D 127 2.61 -21.28 12.72
CA THR D 127 1.58 -20.48 13.36
C THR D 127 1.79 -19.00 13.07
N MET D 128 0.74 -18.22 13.30
CA MET D 128 0.77 -16.77 13.11
C MET D 128 1.89 -16.15 13.93
N GLY D 129 1.95 -16.55 15.20
CA GLY D 129 2.97 -16.03 16.11
C GLY D 129 4.40 -16.35 15.68
N GLU D 130 4.62 -17.49 15.07
CA GLU D 130 5.95 -17.87 14.58
C GLU D 130 6.33 -17.04 13.37
N LEU D 131 5.35 -16.80 12.51
CA LEU D 131 5.57 -16.02 11.29
C LEU D 131 5.69 -14.53 11.52
N LEU D 132 5.05 -14.00 12.56
CA LEU D 132 5.14 -12.57 12.85
C LEU D 132 5.35 -12.37 14.36
N PRO D 133 6.57 -12.64 14.85
CA PRO D 133 6.90 -12.49 16.27
C PRO D 133 6.80 -11.02 16.70
N MET D 134 6.39 -10.80 17.95
CA MET D 134 6.28 -9.45 18.51
C MET D 134 5.48 -8.52 17.59
N ALA D 135 4.37 -9.04 17.07
CA ALA D 135 3.51 -8.27 16.18
C ALA D 135 3.13 -6.88 16.69
N PHE D 136 3.14 -5.92 15.78
CA PHE D 136 2.80 -4.54 16.10
C PHE D 136 1.29 -4.39 16.31
ZN ZN E . 3.01 6.24 -7.98
ZN ZN F . -9.69 4.31 -1.35
ZN ZN G . 5.63 -0.28 9.44
ZN ZN H . 1.25 -10.91 0.52
#